data_2WTY
#
_entry.id   2WTY
#
_cell.length_a   41.150
_cell.length_b   49.820
_cell.length_c   170.370
_cell.angle_alpha   90.00
_cell.angle_beta   90.00
_cell.angle_gamma   90.00
#
_symmetry.space_group_name_H-M   'P 2 21 21'
#
loop_
_entity.id
_entity.type
_entity.pdbx_description
1 polymer 'TRANSCRIPTION FACTOR MAFB'
2 polymer "DNA (5'-D(*TP*AP*AP*TP*TP*GP*CP*TP*GP*AP*CP*TP*CP*AP *GP*CP*AP*AP*AP*T)-3')"
3 polymer "DNA (5'-D(*TP*AP*TP*TP*TP*GP*CP*TP*GP*AP*GP*TP*CP*AP *GP*CP*AP*AP*TP*T)-3')"
4 non-polymer 'MAGNESIUM ION'
5 water water
#
loop_
_entity_poly.entity_id
_entity_poly.type
_entity_poly.pdbx_seq_one_letter_code
_entity_poly.pdbx_strand_id
1 'polypeptide(L)'
;MFSDDQLVSMSVRELNRHLRGFTKDEVIRLKQKRRTLKNRGYAQSCRYKRVQQKHHLENEKTQLIQQVEQLKQEVSRLAR
ERDAYKVKSEKLANSGR
;
A,B
2 'polydeoxyribonucleotide' (DT)(DA)(DA)(DT)(DT)(DG)(DC)(DT)(DG)(DA)(DC)(DT)(DC)(DA)(DG)(DC)(DA)(DA)(DA)(DT) C
3 'polydeoxyribonucleotide' (DT)(DA)(DT)(DT)(DT)(DG)(DC)(DT)(DG)(DA)(DG)(DT)(DC)(DA)(DG)(DC)(DA)(DA)(DT)(DT) D
#
# COMPACT_ATOMS: atom_id res chain seq x y z
N SER A 3 6.21 33.97 15.28
CA SER A 3 5.20 34.42 14.27
C SER A 3 5.86 34.56 12.89
N ASP A 4 5.92 33.46 12.14
CA ASP A 4 5.21 32.21 12.52
C ASP A 4 6.11 31.06 13.00
N ASP A 5 7.39 31.34 13.25
CA ASP A 5 8.32 30.24 13.58
C ASP A 5 8.65 30.01 15.04
N GLN A 6 8.55 31.07 15.85
CA GLN A 6 8.77 30.95 17.28
C GLN A 6 7.45 30.66 18.00
N LEU A 7 6.37 30.64 17.21
CA LEU A 7 5.02 30.48 17.72
C LEU A 7 4.58 29.01 17.72
N VAL A 8 5.00 28.26 16.71
CA VAL A 8 4.74 26.81 16.67
C VAL A 8 5.71 26.05 17.55
N SER A 9 6.97 26.50 17.57
CA SER A 9 8.02 25.88 18.37
C SER A 9 7.88 26.19 19.86
N MET A 10 7.12 27.23 20.18
CA MET A 10 6.88 27.63 21.56
C MET A 10 5.81 26.76 22.21
N SER A 11 5.80 26.75 23.53
CA SER A 11 5.14 25.72 24.30
C SER A 11 3.87 26.18 24.95
N VAL A 12 3.18 25.22 25.57
CA VAL A 12 1.91 25.42 26.24
C VAL A 12 1.95 26.45 27.38
N ARG A 13 2.94 26.40 28.26
CA ARG A 13 3.06 27.39 29.32
C ARG A 13 3.74 28.62 28.78
N GLU A 14 4.95 28.41 28.28
CA GLU A 14 5.74 29.49 27.72
C GLU A 14 4.85 30.38 26.86
N LEU A 15 3.96 29.77 26.10
CA LEU A 15 3.02 30.54 25.30
C LEU A 15 2.18 31.46 26.19
N ASN A 16 1.49 30.88 27.17
CA ASN A 16 0.60 31.62 28.06
C ASN A 16 1.30 32.67 28.93
N ARG A 17 2.61 32.55 29.03
CA ARG A 17 3.45 33.53 29.67
C ARG A 17 3.60 34.77 28.79
N HIS A 18 3.74 34.54 27.48
CA HIS A 18 3.92 35.61 26.50
C HIS A 18 2.57 36.25 26.13
N LEU A 19 1.48 35.70 26.66
CA LEU A 19 0.11 36.11 26.32
C LEU A 19 -0.75 36.49 27.53
N ARG A 20 -0.07 36.74 28.66
CA ARG A 20 -0.69 36.92 29.96
C ARG A 20 -1.64 38.13 30.05
N GLY A 21 -1.24 39.24 29.44
CA GLY A 21 -2.05 40.44 29.41
C GLY A 21 -2.53 40.79 28.02
N PHE A 22 -2.39 39.85 27.09
CA PHE A 22 -2.73 40.12 25.70
C PHE A 22 -4.19 40.48 25.50
N THR A 23 -4.41 41.29 24.46
CA THR A 23 -5.77 41.60 24.04
C THR A 23 -6.50 40.29 23.99
N LYS A 24 -7.63 40.21 24.69
CA LYS A 24 -8.36 38.95 24.77
C LYS A 24 -8.93 38.48 23.42
N ASP A 25 -9.06 39.39 22.46
CA ASP A 25 -9.52 39.02 21.11
C ASP A 25 -8.37 38.64 20.19
N GLU A 26 -7.15 38.97 20.61
CA GLU A 26 -5.93 38.60 19.90
C GLU A 26 -5.25 37.40 20.56
N VAL A 27 -5.71 37.05 21.76
CA VAL A 27 -5.33 35.77 22.38
C VAL A 27 -5.96 34.65 21.55
N ILE A 28 -7.19 34.86 21.11
CA ILE A 28 -7.91 33.94 20.24
C ILE A 28 -7.26 33.91 18.84
N ARG A 29 -6.95 35.08 18.30
CA ARG A 29 -6.36 35.18 16.95
C ARG A 29 -5.00 34.48 16.84
N LEU A 30 -4.13 34.70 17.82
CA LEU A 30 -2.81 34.05 17.83
C LEU A 30 -2.87 32.52 18.02
N LYS A 31 -3.80 32.06 18.85
CA LYS A 31 -4.05 30.64 19.03
C LYS A 31 -4.61 30.00 17.77
N GLN A 32 -5.54 30.69 17.12
CA GLN A 32 -6.07 30.27 15.82
C GLN A 32 -4.94 30.17 14.80
N LYS A 33 -4.09 31.20 14.77
CA LYS A 33 -2.97 31.24 13.85
C LYS A 33 -2.01 30.06 14.04
N ARG A 34 -1.62 29.82 15.29
CA ARG A 34 -0.74 28.70 15.63
C ARG A 34 -1.39 27.36 15.30
N ARG A 35 -2.65 27.18 15.68
CA ARG A 35 -3.40 25.98 15.33
C ARG A 35 -3.26 25.69 13.85
N THR A 36 -3.56 26.69 13.02
CA THR A 36 -3.49 26.56 11.58
C THR A 36 -2.11 26.15 11.10
N LEU A 37 -1.06 26.74 11.68
CA LEU A 37 0.32 26.43 11.29
C LEU A 37 0.71 25.00 11.62
N LYS A 38 0.16 24.48 12.72
CA LYS A 38 0.45 23.12 13.17
C LYS A 38 -0.24 22.12 12.27
N ASN A 39 -1.51 22.42 11.97
CA ASN A 39 -2.29 21.63 11.03
C ASN A 39 -1.60 21.44 9.70
N ARG A 40 -0.84 22.46 9.31
CA ARG A 40 -0.05 22.42 8.11
C ARG A 40 1.08 21.42 8.24
N GLY A 41 1.64 21.31 9.45
CA GLY A 41 2.70 20.35 9.73
C GLY A 41 2.18 18.94 9.89
N TYR A 42 0.92 18.81 10.30
CA TYR A 42 0.28 17.51 10.44
C TYR A 42 -0.01 16.91 9.09
N ALA A 43 -0.40 17.77 8.17
CA ALA A 43 -0.69 17.37 6.80
C ALA A 43 0.59 16.85 6.16
N GLN A 44 1.69 17.51 6.47
CA GLN A 44 3.00 17.14 5.97
C GLN A 44 3.43 15.75 6.48
N SER A 45 3.10 15.44 7.74
CA SER A 45 3.34 14.13 8.33
C SER A 45 2.43 13.07 7.73
N CYS A 46 1.17 13.43 7.55
CA CYS A 46 0.17 12.52 7.03
C CYS A 46 0.51 12.08 5.62
N ARG A 47 0.91 13.05 4.80
CA ARG A 47 1.36 12.76 3.45
C ARG A 47 2.61 11.88 3.47
N TYR A 48 3.53 12.20 4.38
CA TYR A 48 4.78 11.46 4.52
C TYR A 48 4.55 10.02 4.97
N LYS A 49 3.70 9.85 5.98
CA LYS A 49 3.43 8.55 6.59
C LYS A 49 2.82 7.60 5.56
N ARG A 50 2.01 8.18 4.69
CA ARG A 50 1.32 7.45 3.66
C ARG A 50 2.29 6.87 2.65
N VAL A 51 3.32 7.63 2.31
CA VAL A 51 4.29 7.22 1.31
C VAL A 51 5.20 6.14 1.88
N GLN A 52 5.53 6.26 3.17
CA GLN A 52 6.37 5.28 3.85
C GLN A 52 5.67 3.94 4.01
N GLN A 53 4.39 3.98 4.38
CA GLN A 53 3.61 2.76 4.51
C GLN A 53 3.49 2.05 3.17
N LYS A 54 3.37 2.82 2.09
CA LYS A 54 3.25 2.28 0.75
C LYS A 54 4.50 1.52 0.32
N HIS A 55 5.67 2.11 0.57
CA HIS A 55 6.93 1.45 0.25
C HIS A 55 7.13 0.21 1.11
N HIS A 56 6.74 0.31 2.38
CA HIS A 56 6.85 -0.80 3.31
C HIS A 56 6.03 -2.00 2.87
N LEU A 57 4.86 -1.70 2.30
CA LEU A 57 3.95 -2.72 1.84
C LEU A 57 4.49 -3.39 0.59
N GLU A 58 5.07 -2.59 -0.29
CA GLU A 58 5.65 -3.10 -1.53
C GLU A 58 6.91 -3.90 -1.27
N ASN A 59 7.69 -3.49 -0.28
CA ASN A 59 8.87 -4.22 0.13
C ASN A 59 8.51 -5.59 0.69
N GLU A 60 7.41 -5.65 1.44
CA GLU A 60 6.90 -6.90 1.99
C GLU A 60 6.47 -7.87 0.90
N LYS A 61 5.89 -7.31 -0.16
CA LYS A 61 5.47 -8.07 -1.32
C LYS A 61 6.67 -8.65 -2.06
N THR A 62 7.71 -7.83 -2.19
CA THR A 62 8.96 -8.22 -2.83
C THR A 62 9.59 -9.37 -2.07
N GLN A 63 9.67 -9.22 -0.75
CA GLN A 63 10.39 -10.19 0.06
C GLN A 63 9.61 -11.49 0.26
N LEU A 64 8.30 -11.46 0.06
CA LEU A 64 7.53 -12.69 -0.02
C LEU A 64 7.77 -13.37 -1.36
N ILE A 65 7.92 -12.58 -2.43
CA ILE A 65 8.19 -13.13 -3.75
C ILE A 65 9.54 -13.84 -3.79
N GLN A 66 10.55 -13.28 -3.14
CA GLN A 66 11.86 -13.90 -3.17
C GLN A 66 11.98 -15.07 -2.22
N GLN A 67 11.09 -15.08 -1.22
CA GLN A 67 10.94 -16.21 -0.32
C GLN A 67 10.31 -17.41 -1.01
N VAL A 68 9.28 -17.15 -1.81
CA VAL A 68 8.69 -18.17 -2.67
C VAL A 68 9.77 -18.78 -3.58
N GLU A 69 10.66 -17.94 -4.08
CA GLU A 69 11.67 -18.34 -5.03
C GLU A 69 12.67 -19.30 -4.41
N GLN A 70 13.06 -18.98 -3.18
CA GLN A 70 13.91 -19.81 -2.34
C GLN A 70 13.33 -21.20 -2.17
N LEU A 71 12.05 -21.22 -1.83
CA LEU A 71 11.31 -22.44 -1.55
C LEU A 71 11.06 -23.25 -2.81
N LYS A 72 10.99 -22.56 -3.94
CA LYS A 72 10.85 -23.17 -5.23
C LYS A 72 12.12 -23.95 -5.55
N GLN A 73 13.25 -23.38 -5.13
CA GLN A 73 14.56 -23.97 -5.38
C GLN A 73 14.75 -25.18 -4.51
N GLU A 74 14.22 -25.11 -3.30
CA GLU A 74 14.35 -26.21 -2.38
C GLU A 74 13.49 -27.38 -2.78
N VAL A 75 12.26 -27.08 -3.19
CA VAL A 75 11.35 -28.11 -3.65
C VAL A 75 12.03 -28.90 -4.73
N SER A 76 12.66 -28.22 -5.68
CA SER A 76 13.24 -28.97 -6.78
C SER A 76 14.45 -29.81 -6.37
N ARG A 77 15.26 -29.32 -5.44
CA ARG A 77 16.37 -30.11 -4.90
C ARG A 77 15.85 -31.37 -4.23
N LEU A 78 14.89 -31.19 -3.35
CA LEU A 78 14.34 -32.28 -2.56
C LEU A 78 13.60 -33.28 -3.41
N ALA A 79 12.96 -32.82 -4.49
CA ALA A 79 12.26 -33.71 -5.39
C ALA A 79 13.26 -34.67 -6.01
N ARG A 80 14.40 -34.12 -6.43
CA ARG A 80 15.46 -34.91 -7.03
C ARG A 80 16.09 -35.89 -6.07
N GLU A 81 16.32 -35.43 -4.85
CA GLU A 81 16.95 -36.25 -3.82
C GLU A 81 16.07 -37.42 -3.45
N ARG A 82 14.76 -37.20 -3.43
CA ARG A 82 13.80 -38.25 -3.15
C ARG A 82 13.76 -39.26 -4.28
N ASP A 83 13.77 -38.74 -5.50
CA ASP A 83 13.74 -39.58 -6.70
C ASP A 83 15.00 -40.41 -6.88
N ALA A 84 16.13 -39.93 -6.35
CA ALA A 84 17.38 -40.67 -6.37
C ALA A 84 17.25 -41.92 -5.51
N TYR A 85 16.53 -41.80 -4.39
CA TYR A 85 16.29 -42.91 -3.51
C TYR A 85 15.16 -43.81 -3.93
N LYS A 86 14.12 -43.22 -4.52
CA LYS A 86 12.98 -44.01 -4.96
C LYS A 86 13.40 -45.02 -6.04
N VAL A 87 14.22 -44.56 -6.98
CA VAL A 87 14.78 -45.44 -8.00
C VAL A 87 15.71 -46.47 -7.34
N LYS A 88 16.67 -45.99 -6.55
CA LYS A 88 17.59 -46.83 -5.79
C LYS A 88 16.83 -47.91 -5.01
N SER A 89 15.75 -47.51 -4.36
CA SER A 89 14.90 -48.41 -3.57
C SER A 89 14.22 -49.47 -4.44
N GLU A 90 13.65 -49.05 -5.57
CA GLU A 90 12.92 -49.93 -6.47
C GLU A 90 13.84 -50.88 -7.23
N LYS A 91 15.05 -50.40 -7.55
CA LYS A 91 16.02 -51.19 -8.28
C LYS A 91 16.67 -52.29 -7.42
N LEU A 92 16.72 -52.07 -6.12
CA LEU A 92 17.18 -53.10 -5.20
C LEU A 92 16.11 -54.15 -5.02
N ALA A 93 14.86 -53.71 -4.97
CA ALA A 93 13.73 -54.60 -4.72
C ALA A 93 13.43 -55.59 -5.86
N ASN A 94 14.05 -55.36 -7.02
CA ASN A 94 13.97 -56.32 -8.11
C ASN A 94 15.17 -57.24 -8.04
N SER A 95 15.98 -57.04 -6.98
CA SER A 95 17.24 -57.76 -6.85
C SER A 95 17.07 -59.19 -7.31
N GLY A 96 15.98 -59.83 -6.88
CA GLY A 96 15.71 -61.22 -7.25
C GLY A 96 16.93 -62.10 -7.06
N MET B 1 -31.22 27.52 -8.42
CA MET B 1 -29.75 27.15 -8.33
C MET B 1 -29.29 26.52 -9.64
N PHE B 2 -28.02 26.13 -9.74
CA PHE B 2 -27.50 25.66 -11.02
C PHE B 2 -26.73 24.36 -10.91
N SER B 3 -27.45 23.24 -11.01
CA SER B 3 -26.86 21.93 -10.76
C SER B 3 -25.51 21.77 -11.45
N ASP B 4 -24.54 21.44 -10.60
CA ASP B 4 -23.15 21.22 -10.99
C ASP B 4 -23.05 20.10 -11.97
N ASP B 5 -23.78 19.01 -11.69
CA ASP B 5 -23.60 17.80 -12.47
C ASP B 5 -23.63 18.06 -13.96
N GLN B 6 -24.45 19.02 -14.36
CA GLN B 6 -24.63 19.34 -15.78
C GLN B 6 -23.47 20.20 -16.30
N LEU B 7 -23.04 21.14 -15.46
CA LEU B 7 -22.00 22.11 -15.78
C LEU B 7 -20.67 21.43 -16.10
N VAL B 8 -20.40 20.30 -15.44
CA VAL B 8 -19.14 19.60 -15.62
C VAL B 8 -19.17 18.65 -16.83
N SER B 9 -20.36 18.14 -17.17
CA SER B 9 -20.53 17.28 -18.34
C SER B 9 -20.49 18.06 -19.66
N MET B 10 -20.75 19.36 -19.59
CA MET B 10 -20.77 20.23 -20.76
C MET B 10 -19.40 20.39 -21.42
N SER B 11 -19.43 20.72 -22.70
CA SER B 11 -18.23 21.12 -23.43
C SER B 11 -18.02 22.61 -23.24
N VAL B 12 -16.75 23.04 -23.23
CA VAL B 12 -16.42 24.47 -23.18
C VAL B 12 -16.93 25.22 -24.41
N ARG B 13 -17.20 24.48 -25.49
CA ARG B 13 -17.88 25.01 -26.67
C ARG B 13 -19.36 25.17 -26.44
N GLU B 14 -19.95 24.19 -25.75
CA GLU B 14 -21.37 24.21 -25.42
C GLU B 14 -21.69 25.25 -24.36
N LEU B 15 -20.75 25.47 -23.45
CA LEU B 15 -20.93 26.44 -22.38
C LEU B 15 -21.01 27.86 -22.93
N ASN B 16 -20.07 28.20 -23.82
CA ASN B 16 -20.06 29.52 -24.47
C ASN B 16 -21.34 29.83 -25.24
N ARG B 17 -21.92 28.80 -25.84
CA ARG B 17 -23.21 28.92 -26.50
C ARG B 17 -24.28 29.36 -25.52
N HIS B 18 -24.23 28.80 -24.31
CA HIS B 18 -25.22 29.08 -23.29
C HIS B 18 -25.17 30.49 -22.73
N LEU B 19 -23.96 30.93 -22.42
CA LEU B 19 -23.78 32.30 -22.03
C LEU B 19 -23.60 33.09 -23.33
N ARG B 20 -24.51 32.90 -24.28
CA ARG B 20 -24.35 33.62 -25.55
C ARG B 20 -24.31 35.10 -25.21
N GLY B 21 -25.39 35.58 -24.62
CA GLY B 21 -25.44 36.91 -24.04
C GLY B 21 -25.38 36.71 -22.54
N PHE B 22 -24.40 37.33 -21.90
CA PHE B 22 -24.18 37.08 -20.49
C PHE B 22 -23.23 38.12 -19.90
N THR B 23 -23.37 38.34 -18.60
CA THR B 23 -22.51 39.28 -17.87
C THR B 23 -21.05 38.83 -17.95
N LYS B 24 -20.12 39.76 -17.69
CA LYS B 24 -18.69 39.47 -17.76
C LYS B 24 -18.11 38.89 -16.47
N ASP B 25 -18.30 39.58 -15.35
CA ASP B 25 -17.80 39.12 -14.06
C ASP B 25 -18.53 37.88 -13.56
N GLU B 26 -19.60 37.51 -14.26
CA GLU B 26 -20.35 36.30 -13.97
C GLU B 26 -19.95 35.18 -14.94
N VAL B 27 -19.56 35.55 -16.15
CA VAL B 27 -19.02 34.58 -17.12
C VAL B 27 -17.69 34.01 -16.62
N ILE B 28 -16.82 34.90 -16.15
CA ILE B 28 -15.52 34.50 -15.58
C ILE B 28 -15.72 33.68 -14.30
N ARG B 29 -16.70 34.09 -13.50
CA ARG B 29 -17.08 33.36 -12.28
C ARG B 29 -17.56 31.96 -12.61
N LEU B 30 -18.35 31.83 -13.68
CA LEU B 30 -19.00 30.58 -14.04
C LEU B 30 -18.06 29.56 -14.68
N LYS B 31 -17.09 30.04 -15.44
CA LYS B 31 -16.07 29.16 -16.02
C LYS B 31 -15.12 28.64 -14.95
N GLN B 32 -14.84 29.49 -13.97
CA GLN B 32 -13.96 29.12 -12.87
C GLN B 32 -14.66 28.15 -11.92
N LYS B 33 -15.96 28.33 -11.75
CA LYS B 33 -16.77 27.40 -10.98
C LYS B 33 -16.68 26.00 -11.60
N ARG B 34 -16.88 25.95 -12.92
CA ARG B 34 -16.79 24.71 -13.68
C ARG B 34 -15.46 23.99 -13.44
N ARG B 35 -14.35 24.73 -13.51
CA ARG B 35 -13.02 24.18 -13.29
C ARG B 35 -12.87 23.60 -11.89
N THR B 36 -13.28 24.39 -10.88
CA THR B 36 -13.29 23.97 -9.47
C THR B 36 -14.02 22.65 -9.28
N LEU B 37 -15.19 22.52 -9.89
CA LEU B 37 -15.97 21.29 -9.86
C LEU B 37 -15.23 20.12 -10.50
N LYS B 38 -14.50 20.38 -11.57
CA LYS B 38 -13.71 19.35 -12.24
C LYS B 38 -12.53 18.90 -11.37
N ASN B 39 -11.81 19.88 -10.84
CA ASN B 39 -10.72 19.63 -9.89
C ASN B 39 -11.16 18.80 -8.67
N ARG B 40 -12.42 18.98 -8.27
CA ARG B 40 -13.00 18.19 -7.18
C ARG B 40 -13.05 16.72 -7.54
N GLY B 41 -13.47 16.43 -8.77
CA GLY B 41 -13.57 15.07 -9.27
C GLY B 41 -12.21 14.45 -9.51
N TYR B 42 -11.28 15.25 -10.06
CA TYR B 42 -9.89 14.83 -10.26
C TYR B 42 -9.27 14.40 -8.94
N ALA B 43 -9.55 15.16 -7.88
CA ALA B 43 -9.03 14.85 -6.56
C ALA B 43 -9.59 13.53 -6.05
N GLN B 44 -10.88 13.29 -6.31
CA GLN B 44 -11.53 12.05 -5.89
C GLN B 44 -10.90 10.82 -6.55
N SER B 45 -10.65 10.90 -7.85
CA SER B 45 -10.03 9.80 -8.59
C SER B 45 -8.69 9.45 -7.95
N CYS B 46 -7.85 10.46 -7.80
CA CYS B 46 -6.56 10.35 -7.12
C CYS B 46 -6.70 9.60 -5.81
N ARG B 47 -7.58 10.09 -4.94
CA ARG B 47 -7.86 9.47 -3.65
C ARG B 47 -8.36 8.03 -3.78
N TYR B 48 -9.40 7.84 -4.58
CA TYR B 48 -10.02 6.52 -4.71
C TYR B 48 -9.07 5.49 -5.28
N LYS B 49 -8.33 5.88 -6.32
CA LYS B 49 -7.40 4.97 -6.97
C LYS B 49 -6.30 4.50 -6.05
N ARG B 50 -5.82 5.38 -5.18
CA ARG B 50 -4.71 5.01 -4.32
C ARG B 50 -5.13 4.14 -3.14
N VAL B 51 -6.38 4.25 -2.69
CA VAL B 51 -6.89 3.34 -1.67
C VAL B 51 -7.10 1.97 -2.29
N GLN B 52 -7.46 1.96 -3.56
CA GLN B 52 -7.68 0.72 -4.29
C GLN B 52 -6.38 0.02 -4.61
N GLN B 53 -5.33 0.79 -4.87
CA GLN B 53 -4.03 0.20 -5.11
C GLN B 53 -3.49 -0.41 -3.82
N LYS B 54 -3.77 0.26 -2.71
CA LYS B 54 -3.41 -0.19 -1.38
C LYS B 54 -4.10 -1.52 -1.03
N HIS B 55 -5.40 -1.60 -1.30
CA HIS B 55 -6.16 -2.81 -1.05
C HIS B 55 -5.69 -3.97 -1.92
N HIS B 56 -5.38 -3.66 -3.18
CA HIS B 56 -4.89 -4.68 -4.11
C HIS B 56 -3.54 -5.23 -3.65
N LEU B 57 -2.66 -4.34 -3.22
CA LEU B 57 -1.37 -4.73 -2.65
C LEU B 57 -1.54 -5.60 -1.41
N GLU B 58 -2.55 -5.27 -0.60
CA GLU B 58 -2.80 -6.00 0.63
C GLU B 58 -3.27 -7.43 0.37
N ASN B 59 -4.06 -7.60 -0.69
CA ASN B 59 -4.54 -8.90 -1.15
C ASN B 59 -3.42 -9.74 -1.73
N GLU B 60 -2.59 -9.08 -2.54
CA GLU B 60 -1.44 -9.70 -3.19
C GLU B 60 -0.54 -10.30 -2.12
N LYS B 61 -0.30 -9.52 -1.06
CA LYS B 61 0.48 -9.98 0.08
C LYS B 61 -0.17 -11.20 0.70
N THR B 62 -1.49 -11.16 0.82
CA THR B 62 -2.26 -12.28 1.34
C THR B 62 -2.12 -13.51 0.46
N GLN B 63 -2.28 -13.34 -0.86
CA GLN B 63 -2.14 -14.44 -1.81
C GLN B 63 -0.76 -15.10 -1.74
N LEU B 64 0.28 -14.27 -1.62
CA LEU B 64 1.65 -14.76 -1.54
C LEU B 64 1.95 -15.46 -0.23
N ILE B 65 1.42 -14.92 0.88
CA ILE B 65 1.62 -15.52 2.20
C ILE B 65 1.09 -16.95 2.19
N GLN B 66 0.00 -17.17 1.45
CA GLN B 66 -0.59 -18.49 1.31
C GLN B 66 0.32 -19.45 0.58
N GLN B 67 0.87 -19.01 -0.54
CA GLN B 67 1.72 -19.86 -1.38
C GLN B 67 2.97 -20.29 -0.67
N VAL B 68 3.43 -19.46 0.26
CA VAL B 68 4.59 -19.79 1.08
C VAL B 68 4.25 -20.95 2.02
N GLU B 69 3.07 -20.89 2.62
CA GLU B 69 2.60 -21.93 3.53
C GLU B 69 2.52 -23.26 2.80
N GLN B 70 2.00 -23.22 1.58
CA GLN B 70 1.86 -24.40 0.72
C GLN B 70 3.21 -24.96 0.35
N LEU B 71 4.15 -24.06 0.02
CA LEU B 71 5.50 -24.47 -0.34
C LEU B 71 6.24 -25.06 0.84
N LYS B 72 6.09 -24.48 2.02
CA LYS B 72 6.69 -25.03 3.23
C LYS B 72 6.20 -26.44 3.54
N GLN B 73 4.90 -26.66 3.37
CA GLN B 73 4.30 -27.98 3.53
C GLN B 73 4.95 -28.98 2.59
N GLU B 74 5.07 -28.58 1.32
CA GLU B 74 5.66 -29.42 0.29
C GLU B 74 7.12 -29.75 0.61
N VAL B 75 7.83 -28.77 1.15
CA VAL B 75 9.22 -28.92 1.53
C VAL B 75 9.42 -30.03 2.56
N SER B 76 8.66 -29.98 3.66
CA SER B 76 8.78 -30.99 4.70
C SER B 76 8.24 -32.34 4.22
N ARG B 77 7.29 -32.30 3.28
CA ARG B 77 6.72 -33.51 2.70
C ARG B 77 7.77 -34.28 1.91
N LEU B 78 8.52 -33.55 1.07
CA LEU B 78 9.53 -34.17 0.22
C LEU B 78 10.71 -34.68 1.02
N ALA B 79 11.14 -33.90 2.01
CA ALA B 79 12.25 -34.28 2.89
C ALA B 79 11.96 -35.58 3.62
N ARG B 80 10.70 -35.75 4.05
CA ARG B 80 10.27 -36.97 4.70
C ARG B 80 10.18 -38.16 3.76
N GLU B 81 9.73 -37.89 2.54
CA GLU B 81 9.66 -38.92 1.53
C GLU B 81 11.05 -39.35 1.11
N ARG B 82 11.98 -38.40 1.07
CA ARG B 82 13.38 -38.71 0.83
C ARG B 82 13.91 -39.63 1.93
N ASP B 83 13.68 -39.24 3.18
CA ASP B 83 14.10 -40.02 4.34
C ASP B 83 13.55 -41.46 4.31
N ALA B 84 12.25 -41.58 4.03
CA ALA B 84 11.59 -42.87 3.97
C ALA B 84 12.22 -43.79 2.93
N TYR B 85 12.38 -43.28 1.71
CA TYR B 85 12.99 -44.03 0.61
C TYR B 85 14.47 -44.35 0.86
N LYS B 86 15.12 -43.54 1.68
CA LYS B 86 16.51 -43.75 2.04
C LYS B 86 16.63 -44.88 3.07
N VAL B 87 15.84 -44.77 4.13
CA VAL B 87 15.77 -45.79 5.18
C VAL B 87 15.43 -47.17 4.58
N LYS B 88 14.47 -47.20 3.66
CA LYS B 88 14.07 -48.41 2.98
C LYS B 88 15.20 -48.98 2.12
N SER B 89 16.04 -48.12 1.58
CA SER B 89 17.16 -48.54 0.74
C SER B 89 18.28 -49.15 1.57
N GLU B 90 18.63 -48.50 2.67
CA GLU B 90 19.70 -48.95 3.56
C GLU B 90 19.37 -50.30 4.18
N LYS B 91 18.09 -50.53 4.43
CA LYS B 91 17.61 -51.79 4.97
C LYS B 91 17.74 -52.90 3.93
N LEU B 92 17.43 -52.57 2.67
CA LEU B 92 17.57 -53.49 1.55
C LEU B 92 19.03 -53.79 1.26
N ALA B 93 19.90 -52.81 1.48
CA ALA B 93 21.34 -53.00 1.35
C ALA B 93 21.88 -53.94 2.43
N ASN B 94 21.30 -53.84 3.62
CA ASN B 94 21.69 -54.68 4.76
C ASN B 94 21.46 -56.14 4.50
N SER B 95 20.21 -56.52 4.19
CA SER B 95 19.91 -57.88 3.78
C SER B 95 20.89 -58.25 2.68
N GLY B 96 21.37 -57.21 1.99
CA GLY B 96 22.35 -57.37 0.94
C GLY B 96 21.76 -57.24 -0.44
N ARG B 97 20.44 -57.07 -0.52
CA ARG B 97 19.69 -57.05 -1.80
C ARG B 97 18.89 -58.34 -2.00
#